data_6GOC
#
_entry.id   6GOC
#
_cell.length_a   68.508
_cell.length_b   229.469
_cell.length_c   80.709
_cell.angle_alpha   90.000
_cell.angle_beta   90.000
_cell.angle_gamma   90.000
#
_symmetry.space_group_name_H-M   'C 2 2 21'
#
loop_
_entity.id
_entity.type
_entity.pdbx_description
1 polymer 'DUF3826 domain-containing protein'
2 non-polymer 'ZINC ION'
3 water water
#
_entity_poly.entity_id   1
_entity_poly.type   'polypeptide(L)'
_entity_poly.pdbx_seq_one_letter_code
;(MSE)GSSHHHHHHSSGLVPRGSH(MSE)ASQTQTYETEFARPLNEVLTDIQNRFGIRLKYDIDTVGKILPYADFRIRPY
SVEESLTNVLSPFDYKFVRQSGNLYKLKAYEYPRRTDADGEK(MSE)LAYLNTLYADKQAFELRADSLRKEVRQRLGIDT
LLAQCVNSTPILSKIRKFDGYTVQNFALETLPGLYVCGSVYTPQSKGKHALIICPNGHFGGGRYREDQQQR(MSE)GTLA
R(MSE)GAVCVDYDLFGWGESILQVGSTAHRSSAAHTIQA(MSE)NGLLILDY(MSE)LASRKDIDTKRIGANGGSGGGT
HTVLLTTLDDRFTASAPVVSLASHFDGGCPCESG(MSE)PIQLSAGGTCNAELAATFAPRPQLVVSDGGDWTASVPALEF
PYLQRIYGFYDAKDNVTNVHLPKEKHDFGPNKRNAVYDFFAEVFDLDKK(MSE)LDESKVTIEPESA(MSE)YSFGEKGE
LLPENAIRSFDKVAAYFDKKAFAKLKSDASLEKKA(MSE)EWVASLNLDDEKKSGFAVTTIYNHLRQVRDWHNDHPYTTI
PAGINPTTGKPLTQLEREIIADSA(MSE)PKEVHERL(MSE)KGLRRVLTEEQVEQILDKYTVGKVAFT(MSE)KGYQEI
VPD(MSE)TEEETAFILEQLKLAREQAVDYKS(MSE)KQISAIFKAYKTKIELYFYEHGRNWRQ(MSE)YKDYAEKRKAE
KAKEGK
;
_entity_poly.pdbx_strand_id   A
#
# COMPACT_ATOMS: atom_id res chain seq x y z
N THR A 25 -2.48 36.01 33.66
CA THR A 25 -3.85 36.46 34.14
C THR A 25 -4.91 35.43 33.76
N GLN A 26 -5.33 34.64 34.73
CA GLN A 26 -6.41 33.64 34.57
C GLN A 26 -7.71 34.31 34.95
N THR A 27 -8.48 34.88 34.00
CA THR A 27 -9.82 35.36 34.40
C THR A 27 -10.90 34.82 33.46
N TYR A 28 -12.10 34.67 34.03
CA TYR A 28 -13.37 34.49 33.29
C TYR A 28 -13.40 35.39 32.04
N GLU A 29 -12.97 36.65 32.17
CA GLU A 29 -13.14 37.68 31.11
C GLU A 29 -12.08 37.48 30.00
N THR A 30 -10.97 36.80 30.28
CA THR A 30 -9.96 36.42 29.24
C THR A 30 -10.05 34.93 28.95
N GLU A 31 -11.16 34.28 29.31
CA GLU A 31 -11.53 32.89 28.95
C GLU A 31 -10.56 31.88 29.56
N PHE A 32 -9.92 32.21 30.67
CA PHE A 32 -8.99 31.30 31.41
C PHE A 32 -7.98 30.65 30.43
N ALA A 33 -7.49 31.45 29.51
CA ALA A 33 -6.77 31.05 28.28
C ALA A 33 -5.31 30.87 28.67
N ARG A 34 -4.72 29.77 28.25
CA ARG A 34 -3.27 29.48 28.43
C ARG A 34 -2.70 29.04 27.07
N PRO A 35 -1.45 29.43 26.74
CA PRO A 35 -0.79 28.85 25.58
C PRO A 35 -0.75 27.33 25.71
N LEU A 36 -1.00 26.64 24.61
CA LEU A 36 -1.06 25.16 24.66
C LEU A 36 0.29 24.59 25.11
N ASN A 37 1.38 25.21 24.71
CA ASN A 37 2.76 24.67 25.03
C ASN A 37 3.00 24.69 26.56
N GLU A 38 2.47 25.69 27.27
CA GLU A 38 2.51 25.73 28.75
C GLU A 38 1.65 24.63 29.36
N VAL A 39 0.48 24.42 28.79
CA VAL A 39 -0.50 23.39 29.29
C VAL A 39 0.16 22.02 29.20
N LEU A 40 0.69 21.66 28.03
CA LEU A 40 1.30 20.32 27.84
C LEU A 40 2.54 20.13 28.72
N THR A 41 3.41 21.13 28.83
CA THR A 41 4.58 21.02 29.74
C THR A 41 4.07 20.73 31.14
N ASP A 42 3.01 21.46 31.51
CA ASP A 42 2.39 21.34 32.84
C ASP A 42 1.81 19.92 32.99
N ILE A 43 1.08 19.42 32.00
CA ILE A 43 0.59 18.00 32.07
C ILE A 43 1.79 17.06 32.24
N GLN A 44 2.86 17.21 31.46
CA GLN A 44 4.03 16.29 31.51
C GLN A 44 4.53 16.21 32.95
N ASN A 45 4.72 17.36 33.60
CA ASN A 45 5.35 17.47 34.95
C ASN A 45 4.37 16.92 35.96
N ARG A 46 3.10 17.22 35.81
CA ARG A 46 2.10 16.86 36.84
C ARG A 46 1.86 15.36 36.84
N PHE A 47 1.69 14.73 35.69
CA PHE A 47 1.36 13.28 35.64
C PHE A 47 2.61 12.41 35.53
N GLY A 48 3.81 13.01 35.43
CA GLY A 48 5.09 12.28 35.32
C GLY A 48 5.19 11.43 34.05
N ILE A 49 4.92 12.01 32.89
CA ILE A 49 5.11 11.28 31.60
C ILE A 49 6.19 12.00 30.82
N ARG A 50 6.54 11.44 29.66
CA ARG A 50 7.41 12.12 28.68
C ARG A 50 6.60 12.35 27.41
N LEU A 51 6.88 13.44 26.75
CA LEU A 51 6.19 13.78 25.52
C LEU A 51 7.22 13.83 24.40
N LYS A 52 6.99 13.08 23.33
CA LYS A 52 7.64 13.37 22.04
C LYS A 52 6.64 14.22 21.25
N TYR A 53 7.09 15.34 20.72
CA TYR A 53 6.31 16.27 19.90
C TYR A 53 6.54 15.99 18.39
N ASP A 54 5.48 15.69 17.61
CA ASP A 54 5.51 15.64 16.13
C ASP A 54 4.45 16.65 15.65
N ILE A 55 4.36 17.80 16.36
CA ILE A 55 3.47 18.97 16.12
C ILE A 55 4.23 20.18 16.64
N ASP A 56 3.91 21.36 16.13
CA ASP A 56 4.50 22.64 16.60
C ASP A 56 3.28 23.45 17.02
N THR A 57 3.27 23.75 18.31
CA THR A 57 2.21 24.38 19.10
C THR A 57 2.43 25.88 19.19
N VAL A 58 3.42 26.45 18.49
CA VAL A 58 3.73 27.91 18.57
C VAL A 58 2.46 28.71 18.28
N GLY A 59 2.14 29.69 19.14
CA GLY A 59 1.02 30.60 18.92
C GLY A 59 -0.32 30.00 19.28
N LYS A 60 -0.43 28.71 19.63
CA LYS A 60 -1.74 28.08 19.92
C LYS A 60 -2.19 28.46 21.34
N ILE A 61 -3.39 29.00 21.47
CA ILE A 61 -3.97 29.45 22.76
C ILE A 61 -5.23 28.62 23.05
N LEU A 62 -5.27 27.95 24.20
CA LEU A 62 -6.41 27.09 24.61
C LEU A 62 -7.26 27.80 25.68
N PRO A 63 -8.47 28.22 25.33
CA PRO A 63 -9.42 28.71 26.33
C PRO A 63 -9.75 27.63 27.37
N TYR A 64 -9.92 28.03 28.64
CA TYR A 64 -10.42 27.19 29.76
C TYR A 64 -9.47 26.00 29.94
N ALA A 65 -8.20 26.20 29.64
CA ALA A 65 -7.20 25.09 29.61
C ALA A 65 -7.24 24.26 30.89
N ASP A 66 -7.18 24.91 32.06
CA ASP A 66 -7.06 24.18 33.37
C ASP A 66 -8.35 23.45 33.66
N PHE A 67 -9.49 23.85 33.09
CA PHE A 67 -10.77 23.13 33.36
C PHE A 67 -10.92 21.85 32.52
N ARG A 68 -10.00 21.61 31.58
CA ARG A 68 -10.03 20.43 30.68
C ARG A 68 -9.20 19.32 31.30
N ILE A 69 -8.45 19.65 32.37
CA ILE A 69 -7.55 18.67 33.03
C ILE A 69 -8.43 17.75 33.85
N ARG A 70 -8.02 16.50 33.99
CA ARG A 70 -8.70 15.51 34.85
C ARG A 70 -7.64 14.87 35.74
N PRO A 71 -7.62 15.17 37.06
CA PRO A 71 -6.53 14.74 37.93
C PRO A 71 -6.29 13.24 37.93
N TYR A 72 -7.32 12.48 37.62
CA TYR A 72 -7.32 11.00 37.67
C TYR A 72 -6.90 10.42 36.32
N SER A 73 -6.72 11.22 35.27
CA SER A 73 -6.39 10.66 33.94
C SER A 73 -5.54 11.59 33.09
N VAL A 74 -4.27 11.23 32.94
CA VAL A 74 -3.37 11.89 31.97
C VAL A 74 -3.94 11.80 30.57
N GLU A 75 -4.60 10.71 30.22
CA GLU A 75 -5.05 10.49 28.81
C GLU A 75 -6.27 11.38 28.52
N GLU A 76 -7.25 11.43 29.40
CA GLU A 76 -8.39 12.38 29.23
C GLU A 76 -7.84 13.81 29.14
N SER A 77 -6.88 14.14 30.00
CA SER A 77 -6.30 15.50 30.04
C SER A 77 -5.71 15.79 28.70
N LEU A 78 -4.85 14.91 28.21
CA LEU A 78 -4.17 15.15 26.90
C LEU A 78 -5.25 15.26 25.82
N THR A 79 -6.22 14.35 25.81
CA THR A 79 -7.26 14.37 24.71
C THR A 79 -8.06 15.66 24.83
N ASN A 80 -8.32 16.10 26.06
CA ASN A 80 -9.18 17.29 26.24
C ASN A 80 -8.39 18.52 25.81
N VAL A 81 -7.07 18.54 25.92
CA VAL A 81 -6.36 19.78 25.54
C VAL A 81 -5.95 19.75 24.07
N LEU A 82 -5.88 18.57 23.49
CA LEU A 82 -5.33 18.43 22.11
C LEU A 82 -6.46 18.41 21.07
N SER A 83 -7.60 17.78 21.34
CA SER A 83 -8.64 17.59 20.28
C SER A 83 -9.19 18.94 19.82
N PRO A 84 -9.23 20.01 20.64
CA PRO A 84 -9.59 21.33 20.10
C PRO A 84 -8.68 21.92 19.01
N PHE A 85 -7.47 21.40 18.81
CA PHE A 85 -6.52 21.91 17.78
C PHE A 85 -6.34 20.85 16.70
N ASP A 86 -7.10 19.76 16.83
CA ASP A 86 -7.10 18.61 15.90
C ASP A 86 -5.82 17.78 16.10
N TYR A 87 -5.38 17.63 17.38
CA TYR A 87 -4.17 16.89 17.75
C TYR A 87 -4.61 15.69 18.55
N LYS A 88 -3.70 14.77 18.76
CA LYS A 88 -3.99 13.55 19.53
C LYS A 88 -2.69 13.06 20.18
N PHE A 89 -2.78 12.07 21.02
CA PHE A 89 -1.58 11.38 21.52
C PHE A 89 -1.56 9.94 20.98
N VAL A 90 -0.39 9.34 20.91
CA VAL A 90 -0.23 7.87 20.72
C VAL A 90 0.73 7.36 21.80
N ARG A 91 0.28 6.48 22.65
CA ARG A 91 1.09 5.92 23.75
C ARG A 91 2.28 5.18 23.12
N GLN A 92 3.53 5.55 23.41
CA GLN A 92 4.71 4.73 23.06
C GLN A 92 4.99 3.78 24.22
N SER A 93 6.18 3.22 24.26
CA SER A 93 6.66 2.33 25.35
C SER A 93 6.69 3.09 26.68
N GLY A 94 6.26 2.43 27.76
CA GLY A 94 6.39 2.95 29.14
C GLY A 94 5.50 4.17 29.35
N ASN A 95 6.04 5.25 29.90
CA ASN A 95 5.28 6.49 30.23
C ASN A 95 5.56 7.54 29.13
N LEU A 96 5.99 7.15 27.94
CA LEU A 96 6.21 8.11 26.83
C LEU A 96 4.94 8.17 25.95
N TYR A 97 4.61 9.37 25.51
CA TYR A 97 3.47 9.68 24.61
C TYR A 97 3.96 10.56 23.49
N LYS A 98 3.63 10.21 22.26
CA LYS A 98 3.88 11.09 21.10
C LYS A 98 2.59 11.88 20.84
N LEU A 99 2.75 13.13 20.45
CA LEU A 99 1.71 14.13 20.14
C LEU A 99 1.72 14.36 18.63
N LYS A 100 0.59 14.11 17.95
CA LYS A 100 0.52 14.01 16.46
C LYS A 100 -0.64 14.89 15.97
N ALA A 101 -0.57 15.31 14.71
CA ALA A 101 -1.73 15.84 13.98
C ALA A 101 -2.70 14.68 13.72
N TYR A 102 -4.00 15.01 13.70
CA TYR A 102 -5.05 14.11 13.22
C TYR A 102 -4.54 13.49 11.90
N GLU A 103 -4.68 12.18 11.75
CA GLU A 103 -4.34 11.48 10.48
C GLU A 103 -5.55 10.72 9.98
N TYR A 104 -6.07 11.11 8.84
CA TYR A 104 -7.33 10.50 8.31
C TYR A 104 -7.18 9.03 7.97
N PRO A 105 -6.00 8.51 7.54
CA PRO A 105 -5.84 7.08 7.30
C PRO A 105 -5.54 6.24 8.54
N ARG A 106 -5.29 6.85 9.71
CA ARG A 106 -4.84 6.10 10.92
C ARG A 106 -5.83 6.24 12.07
N ARG A 107 -6.31 5.08 12.53
CA ARG A 107 -7.19 4.84 13.70
C ARG A 107 -6.45 3.91 14.68
N THR A 108 -7.15 3.35 15.66
CA THR A 108 -6.57 2.48 16.72
C THR A 108 -7.07 1.05 16.58
N ASP A 109 -6.38 0.09 17.21
CA ASP A 109 -6.85 -1.32 17.26
C ASP A 109 -8.31 -1.30 17.72
N ALA A 110 -8.63 -0.55 18.76
CA ALA A 110 -10.00 -0.52 19.32
C ALA A 110 -11.01 -0.11 18.22
N ASP A 111 -10.74 0.96 17.48
CA ASP A 111 -11.55 1.42 16.31
C ASP A 111 -11.71 0.27 15.31
N GLY A 112 -10.61 -0.47 15.08
CA GLY A 112 -10.55 -1.64 14.18
C GLY A 112 -11.56 -2.68 14.60
N GLU A 113 -11.59 -3.01 15.88
CA GLU A 113 -12.41 -4.15 16.39
C GLU A 113 -13.88 -3.78 16.22
N LYS A 114 -14.21 -2.51 16.46
CA LYS A 114 -15.62 -2.01 16.33
C LYS A 114 -16.02 -1.98 14.84
N LEU A 116 -14.77 -3.93 12.32
CA LEU A 116 -14.93 -5.27 11.82
C LEU A 116 -16.19 -5.93 12.42
N ALA A 117 -16.47 -5.69 13.70
CA ALA A 117 -17.72 -6.15 14.33
C ALA A 117 -18.89 -5.51 13.59
N TYR A 118 -18.82 -4.22 13.26
CA TYR A 118 -19.91 -3.56 12.52
C TYR A 118 -20.06 -4.19 11.11
N LEU A 119 -18.97 -4.41 10.39
CA LEU A 119 -19.09 -4.99 9.04
C LEU A 119 -19.65 -6.43 9.15
N ASN A 120 -19.31 -7.19 10.19
CA ASN A 120 -19.85 -8.58 10.40
C ASN A 120 -21.39 -8.56 10.51
N THR A 121 -22.00 -7.44 10.94
CA THR A 121 -23.47 -7.33 10.98
C THR A 121 -24.04 -7.17 9.58
N LEU A 122 -23.23 -6.91 8.55
CA LEU A 122 -23.82 -6.61 7.20
C LEU A 122 -23.96 -7.90 6.38
N TYR A 123 -23.41 -9.02 6.84
CA TYR A 123 -23.50 -10.27 6.07
C TYR A 123 -23.37 -11.47 7.00
N ALA A 124 -24.24 -12.45 6.81
CA ALA A 124 -24.22 -13.71 7.60
C ALA A 124 -23.93 -14.89 6.66
N ASP A 125 -23.81 -14.66 5.35
CA ASP A 125 -23.58 -15.71 4.32
C ASP A 125 -22.95 -15.14 3.03
N LYS A 126 -22.54 -16.04 2.16
CA LYS A 126 -22.02 -15.82 0.79
C LYS A 126 -22.91 -14.82 0.03
N GLN A 127 -24.21 -15.04 -0.01
CA GLN A 127 -25.17 -14.23 -0.78
C GLN A 127 -25.08 -12.76 -0.33
N ALA A 128 -25.17 -12.49 0.97
CA ALA A 128 -25.21 -11.12 1.50
C ALA A 128 -23.83 -10.51 1.25
N PHE A 129 -22.78 -11.28 1.47
CA PHE A 129 -21.39 -10.82 1.35
C PHE A 129 -21.15 -10.42 -0.12
N GLU A 130 -21.62 -11.27 -1.04
CA GLU A 130 -21.32 -11.10 -2.48
C GLU A 130 -22.02 -9.86 -3.05
N LEU A 131 -23.20 -9.48 -2.55
CA LEU A 131 -23.85 -8.23 -3.00
C LEU A 131 -22.98 -7.06 -2.51
N ARG A 132 -22.50 -7.07 -1.27
CA ARG A 132 -21.75 -5.90 -0.74
C ARG A 132 -20.41 -5.84 -1.47
N ALA A 133 -19.79 -6.98 -1.71
CA ALA A 133 -18.48 -7.06 -2.37
C ALA A 133 -18.58 -6.42 -3.75
N ASP A 134 -19.69 -6.63 -4.43
CA ASP A 134 -19.88 -6.09 -5.80
C ASP A 134 -19.99 -4.56 -5.71
N SER A 135 -20.71 -4.04 -4.71
CA SER A 135 -20.81 -2.57 -4.47
C SER A 135 -19.42 -2.07 -4.13
N LEU A 136 -18.64 -2.80 -3.35
CA LEU A 136 -17.30 -2.34 -2.91
C LEU A 136 -16.41 -2.25 -4.14
N ARG A 137 -16.50 -3.22 -5.03
CA ARG A 137 -15.61 -3.28 -6.22
C ARG A 137 -15.96 -2.09 -7.11
N LYS A 138 -17.24 -1.83 -7.32
CA LYS A 138 -17.66 -0.74 -8.24
C LYS A 138 -17.29 0.61 -7.62
N GLU A 139 -17.57 0.83 -6.34
CA GLU A 139 -17.36 2.16 -5.71
C GLU A 139 -15.87 2.42 -5.49
N VAL A 140 -15.10 1.40 -5.11
CA VAL A 140 -13.63 1.60 -5.07
C VAL A 140 -13.12 2.09 -6.44
N ARG A 141 -13.50 1.40 -7.53
CA ARG A 141 -13.00 1.68 -8.89
C ARG A 141 -13.45 3.09 -9.29
N GLN A 142 -14.69 3.43 -9.02
CA GLN A 142 -15.27 4.77 -9.32
C GLN A 142 -14.52 5.83 -8.52
N ARG A 143 -14.35 5.62 -7.22
CA ARG A 143 -13.70 6.63 -6.36
C ARG A 143 -12.22 6.78 -6.70
N LEU A 144 -11.60 5.76 -7.24
CA LEU A 144 -10.17 5.90 -7.64
C LEU A 144 -10.04 6.77 -8.91
N GLY A 145 -11.11 6.88 -9.71
CA GLY A 145 -11.11 7.60 -11.00
C GLY A 145 -10.32 6.89 -12.09
N ILE A 146 -9.91 5.65 -11.91
CA ILE A 146 -9.05 4.87 -12.86
C ILE A 146 -9.74 4.73 -14.22
N ASP A 147 -11.07 4.61 -14.30
CA ASP A 147 -11.71 4.39 -15.63
C ASP A 147 -11.63 5.69 -16.44
N THR A 148 -11.63 6.84 -15.80
CA THR A 148 -11.48 8.13 -16.51
C THR A 148 -10.10 8.11 -17.22
N LEU A 149 -9.07 7.63 -16.55
CA LEU A 149 -7.69 7.70 -17.08
C LEU A 149 -7.47 6.58 -18.11
N LEU A 150 -8.01 5.39 -17.88
CA LEU A 150 -7.93 4.27 -18.83
C LEU A 150 -8.50 4.69 -20.16
N ALA A 151 -9.61 5.44 -20.21
CA ALA A 151 -10.23 5.83 -21.49
C ALA A 151 -9.25 6.72 -22.26
N GLN A 152 -8.19 7.22 -21.64
CA GLN A 152 -7.28 8.21 -22.30
C GLN A 152 -5.88 7.62 -22.54
N CYS A 153 -5.70 6.33 -22.25
CA CYS A 153 -4.41 5.63 -22.38
C CYS A 153 -4.22 5.31 -23.86
N VAL A 154 -2.98 5.36 -24.31
CA VAL A 154 -2.61 5.08 -25.72
C VAL A 154 -2.27 3.59 -25.91
N ASN A 155 -2.04 3.18 -27.15
CA ASN A 155 -1.59 1.82 -27.52
C ASN A 155 -0.37 1.99 -28.41
N SER A 156 0.80 2.21 -27.85
CA SER A 156 2.05 2.33 -28.62
C SER A 156 2.93 1.11 -28.34
N THR A 157 4.04 0.98 -29.04
CA THR A 157 4.92 -0.23 -28.97
C THR A 157 5.72 -0.12 -27.67
N PRO A 158 5.58 -1.05 -26.69
CA PRO A 158 6.40 -1.04 -25.49
C PRO A 158 7.90 -1.11 -25.78
N ILE A 159 8.71 -0.32 -25.09
CA ILE A 159 10.20 -0.35 -25.20
C ILE A 159 10.75 -1.49 -24.31
N LEU A 160 11.35 -2.51 -24.95
CA LEU A 160 11.83 -3.78 -24.35
C LEU A 160 13.35 -3.81 -24.45
N SER A 161 14.03 -4.15 -23.35
CA SER A 161 15.49 -4.34 -23.29
C SER A 161 15.77 -5.70 -23.91
N LYS A 162 17.04 -6.01 -24.15
CA LYS A 162 17.45 -7.40 -24.44
C LYS A 162 17.23 -8.21 -23.15
N ILE A 163 16.97 -9.50 -23.32
CA ILE A 163 16.82 -10.46 -22.21
C ILE A 163 18.20 -10.76 -21.63
N ARG A 164 18.33 -10.62 -20.32
CA ARG A 164 19.57 -10.91 -19.58
C ARG A 164 19.40 -12.24 -18.86
N LYS A 165 20.34 -13.15 -19.09
CA LYS A 165 20.29 -14.55 -18.57
C LYS A 165 21.04 -14.65 -17.25
N PHE A 166 20.50 -15.47 -16.34
CA PHE A 166 21.07 -15.74 -15.00
C PHE A 166 20.78 -17.20 -14.66
N ASP A 167 21.08 -17.62 -13.45
CA ASP A 167 20.97 -19.04 -13.08
C ASP A 167 19.49 -19.40 -12.89
N GLY A 168 18.87 -20.01 -13.90
CA GLY A 168 17.52 -20.61 -13.83
C GLY A 168 16.37 -19.62 -14.12
N TYR A 169 16.68 -18.37 -14.51
CA TYR A 169 15.67 -17.29 -14.76
C TYR A 169 16.35 -16.23 -15.60
N THR A 170 15.57 -15.41 -16.29
CA THR A 170 16.07 -14.23 -17.03
C THR A 170 15.33 -12.98 -16.56
N VAL A 171 15.86 -11.82 -16.95
CA VAL A 171 15.33 -10.47 -16.64
C VAL A 171 15.32 -9.67 -17.94
N GLN A 172 14.26 -8.89 -18.12
CA GLN A 172 13.98 -8.08 -19.32
C GLN A 172 13.27 -6.82 -18.84
N ASN A 173 13.74 -5.66 -19.23
CA ASN A 173 13.13 -4.42 -18.74
C ASN A 173 12.09 -4.03 -19.77
N PHE A 174 11.10 -3.27 -19.31
CA PHE A 174 10.06 -2.71 -20.18
C PHE A 174 9.75 -1.29 -19.73
N ALA A 175 9.34 -0.51 -20.69
CA ALA A 175 8.73 0.81 -20.50
C ALA A 175 7.44 0.82 -21.31
N LEU A 176 6.31 1.01 -20.63
CA LEU A 176 4.97 0.93 -21.24
C LEU A 176 4.33 2.32 -21.17
N GLU A 177 3.93 2.87 -22.31
CA GLU A 177 3.33 4.22 -22.34
C GLU A 177 1.88 4.06 -21.87
N THR A 178 1.45 4.92 -20.93
CA THR A 178 0.08 4.85 -20.36
C THR A 178 -0.75 6.00 -20.93
N LEU A 179 -0.86 7.08 -20.16
CA LEU A 179 -1.36 8.38 -20.67
C LEU A 179 -0.34 8.92 -21.68
N PRO A 180 -0.74 9.76 -22.67
CA PRO A 180 0.22 10.27 -23.65
C PRO A 180 1.46 10.82 -22.94
N GLY A 181 2.66 10.34 -23.28
CA GLY A 181 3.91 10.92 -22.75
C GLY A 181 4.30 10.35 -21.40
N LEU A 182 3.49 9.44 -20.86
CA LEU A 182 3.78 8.94 -19.49
C LEU A 182 4.18 7.46 -19.56
N TYR A 183 5.25 7.09 -18.87
CA TYR A 183 5.85 5.74 -18.94
C TYR A 183 5.89 5.18 -17.53
N VAL A 184 5.49 3.92 -17.42
CA VAL A 184 5.86 3.01 -16.30
C VAL A 184 6.99 2.07 -16.75
N CYS A 185 8.08 2.05 -16.02
CA CYS A 185 9.27 1.23 -16.29
C CYS A 185 9.30 0.17 -15.22
N GLY A 186 9.51 -1.05 -15.66
CA GLY A 186 9.60 -2.23 -14.79
C GLY A 186 10.57 -3.24 -15.39
N SER A 187 10.55 -4.45 -14.85
CA SER A 187 11.37 -5.62 -15.24
C SER A 187 10.50 -6.85 -15.05
N VAL A 188 10.63 -7.81 -15.97
CA VAL A 188 9.96 -9.13 -15.95
C VAL A 188 11.06 -10.17 -15.73
N TYR A 189 10.77 -11.10 -14.83
CA TYR A 189 11.61 -12.22 -14.33
C TYR A 189 10.96 -13.50 -14.85
N THR A 190 11.60 -14.20 -15.79
CA THR A 190 11.02 -15.36 -16.49
C THR A 190 11.74 -16.62 -16.05
N PRO A 191 11.02 -17.72 -15.75
CA PRO A 191 11.69 -18.96 -15.39
C PRO A 191 12.49 -19.46 -16.60
N GLN A 192 13.60 -20.17 -16.37
CA GLN A 192 14.24 -20.96 -17.46
C GLN A 192 13.55 -22.30 -17.63
N SER A 193 12.88 -22.82 -16.62
CA SER A 193 12.13 -24.09 -16.71
C SER A 193 11.14 -24.04 -17.86
N LYS A 194 10.96 -25.15 -18.54
CA LYS A 194 10.10 -25.21 -19.75
C LYS A 194 8.65 -25.38 -19.27
N GLY A 195 7.69 -25.04 -20.12
CA GLY A 195 6.25 -25.19 -19.89
C GLY A 195 5.62 -23.84 -19.50
N LYS A 196 4.31 -23.87 -19.38
CA LYS A 196 3.48 -22.71 -18.98
C LYS A 196 3.89 -22.25 -17.58
N HIS A 197 3.88 -20.96 -17.34
CA HIS A 197 4.31 -20.38 -16.05
C HIS A 197 3.13 -19.68 -15.38
N ALA A 198 3.21 -19.54 -14.07
CA ALA A 198 2.36 -18.59 -13.31
C ALA A 198 2.81 -17.19 -13.70
N LEU A 199 1.93 -16.20 -13.52
CA LEU A 199 2.30 -14.74 -13.57
C LEU A 199 1.98 -14.04 -12.23
N ILE A 200 2.91 -13.26 -11.70
CA ILE A 200 2.76 -12.56 -10.40
C ILE A 200 3.10 -11.10 -10.61
N ILE A 201 2.13 -10.23 -10.39
CA ILE A 201 2.27 -8.75 -10.48
C ILE A 201 2.71 -8.30 -9.08
N CYS A 202 3.76 -7.50 -8.99
CA CYS A 202 4.48 -7.22 -7.73
C CYS A 202 4.72 -5.72 -7.58
N PRO A 203 3.65 -4.99 -7.17
CA PRO A 203 3.82 -3.62 -6.71
C PRO A 203 4.69 -3.60 -5.44
N ASN A 204 5.53 -2.59 -5.30
CA ASN A 204 6.46 -2.55 -4.15
C ASN A 204 6.07 -1.43 -3.17
N GLY A 205 6.51 -1.62 -1.92
CA GLY A 205 6.44 -0.65 -0.82
C GLY A 205 7.53 0.39 -0.93
N HIS A 206 7.48 1.37 -0.02
CA HIS A 206 8.37 2.56 0.06
C HIS A 206 9.74 2.15 0.70
N PHE A 207 10.21 0.94 0.50
CA PHE A 207 11.56 0.46 0.94
C PHE A 207 12.68 1.10 0.13
N GLY A 208 13.85 1.35 0.73
CA GLY A 208 14.92 2.11 0.06
C GLY A 208 15.36 1.38 -1.20
N GLY A 209 15.55 2.10 -2.31
CA GLY A 209 15.84 1.52 -3.63
C GLY A 209 14.61 1.06 -4.40
N GLY A 210 13.41 1.08 -3.82
CA GLY A 210 12.22 0.67 -4.57
C GLY A 210 12.36 -0.76 -5.09
N ARG A 211 11.94 -1.00 -6.34
CA ARG A 211 11.98 -2.36 -6.94
C ARG A 211 13.43 -2.79 -7.20
N TYR A 212 14.37 -1.83 -7.24
CA TYR A 212 15.80 -2.09 -7.57
C TYR A 212 16.47 -2.82 -6.38
N ARG A 213 15.88 -2.81 -5.17
CA ARG A 213 16.65 -3.21 -3.96
C ARG A 213 16.94 -4.73 -4.00
N GLU A 214 17.93 -5.12 -3.19
CA GLU A 214 18.47 -6.49 -3.09
C GLU A 214 17.32 -7.47 -2.80
N ASP A 215 16.50 -7.18 -1.78
CA ASP A 215 15.49 -8.17 -1.29
C ASP A 215 14.37 -8.28 -2.35
N GLN A 216 14.16 -7.26 -3.16
CA GLN A 216 13.17 -7.31 -4.27
C GLN A 216 13.72 -8.25 -5.36
N GLN A 217 14.96 -8.05 -5.82
CA GLN A 217 15.61 -8.96 -6.84
C GLN A 217 15.58 -10.38 -6.32
N GLN A 218 15.95 -10.58 -5.07
CA GLN A 218 16.00 -11.95 -4.48
C GLN A 218 14.64 -12.57 -4.67
N ARG A 219 13.59 -11.84 -4.32
CA ARG A 219 12.23 -12.43 -4.31
C ARG A 219 11.80 -12.67 -5.75
N GLY A 221 13.67 -13.17 -8.51
CA GLY A 221 14.52 -14.26 -9.00
C GLY A 221 14.13 -15.64 -8.46
N THR A 222 13.86 -15.75 -7.16
CA THR A 222 13.44 -17.05 -6.56
C THR A 222 12.09 -17.45 -7.15
N LEU A 223 11.11 -16.55 -7.18
CA LEU A 223 9.79 -16.94 -7.73
C LEU A 223 9.93 -17.36 -9.21
N ALA A 224 10.85 -16.76 -9.95
CA ALA A 224 11.02 -17.04 -11.38
C ALA A 224 11.74 -18.38 -11.51
N ARG A 225 12.75 -18.62 -10.69
CA ARG A 225 13.44 -19.95 -10.70
C ARG A 225 12.41 -21.04 -10.43
N GLY A 227 9.27 -21.16 -11.21
CA GLY A 227 8.28 -21.38 -12.25
C GLY A 227 7.23 -20.26 -12.40
N ALA A 228 7.43 -19.06 -11.82
CA ALA A 228 6.51 -17.91 -11.96
C ALA A 228 7.15 -16.77 -12.75
N VAL A 229 6.51 -16.34 -13.84
CA VAL A 229 6.86 -15.02 -14.45
C VAL A 229 6.48 -13.96 -13.40
N CYS A 230 7.42 -13.10 -13.03
CA CYS A 230 7.20 -12.04 -12.03
C CYS A 230 7.48 -10.68 -12.64
N VAL A 231 6.62 -9.70 -12.35
CA VAL A 231 6.77 -8.32 -12.88
C VAL A 231 6.76 -7.32 -11.74
N ASP A 232 7.71 -6.39 -11.75
CA ASP A 232 7.72 -5.31 -10.77
C ASP A 232 7.93 -4.03 -11.57
N TYR A 233 7.63 -2.90 -10.97
CA TYR A 233 7.50 -1.65 -11.73
C TYR A 233 7.61 -0.49 -10.79
N ASP A 234 8.06 0.65 -11.32
CA ASP A 234 8.28 1.87 -10.51
C ASP A 234 6.94 2.36 -9.93
N LEU A 235 6.91 2.62 -8.62
CA LEU A 235 5.94 3.56 -7.99
C LEU A 235 5.96 4.88 -8.79
N PHE A 236 4.83 5.58 -8.86
CA PHE A 236 4.78 6.95 -9.45
C PHE A 236 5.73 7.89 -8.69
N GLY A 237 6.58 8.59 -9.42
CA GLY A 237 7.67 9.43 -8.91
C GLY A 237 8.69 8.67 -8.10
N TRP A 238 8.82 7.38 -8.37
CA TRP A 238 10.03 6.61 -7.98
C TRP A 238 10.75 6.17 -9.27
N GLY A 239 12.01 5.74 -9.11
CA GLY A 239 12.86 5.21 -10.19
C GLY A 239 12.87 6.16 -11.36
N GLU A 240 12.54 5.66 -12.53
CA GLU A 240 12.61 6.41 -13.80
C GLU A 240 11.38 7.29 -13.95
N SER A 241 10.33 7.09 -13.13
CA SER A 241 9.20 8.05 -13.09
C SER A 241 9.71 9.42 -12.62
N ILE A 242 10.74 9.45 -11.76
CA ILE A 242 11.36 10.72 -11.29
C ILE A 242 11.76 11.57 -12.50
N LEU A 243 12.30 10.97 -13.57
CA LEU A 243 12.68 11.74 -14.78
C LEU A 243 11.48 12.53 -15.30
N GLN A 244 10.24 12.05 -15.10
CA GLN A 244 9.08 12.72 -15.75
C GLN A 244 8.41 13.70 -14.78
N VAL A 245 8.29 13.35 -13.50
CA VAL A 245 7.45 14.10 -12.52
C VAL A 245 8.20 14.62 -11.28
N GLY A 246 9.46 14.24 -11.03
CA GLY A 246 10.20 14.61 -9.82
C GLY A 246 9.84 13.74 -8.61
N SER A 247 10.58 13.83 -7.51
CA SER A 247 10.36 12.96 -6.32
C SER A 247 9.11 13.38 -5.50
N THR A 248 8.91 14.67 -5.34
CA THR A 248 7.78 15.23 -4.55
C THR A 248 6.47 14.62 -5.03
N ALA A 249 6.28 14.46 -6.35
CA ALA A 249 5.01 14.06 -6.99
C ALA A 249 4.49 12.72 -6.45
N HIS A 250 5.35 11.88 -5.88
CA HIS A 250 4.90 10.59 -5.39
C HIS A 250 3.77 10.75 -4.34
N ARG A 251 3.88 11.71 -3.43
CA ARG A 251 2.92 11.93 -2.31
C ARG A 251 1.80 12.77 -2.87
N SER A 252 0.99 12.17 -3.71
CA SER A 252 -0.13 12.89 -4.35
C SER A 252 -1.25 11.89 -4.51
N SER A 253 -2.49 12.33 -4.58
CA SER A 253 -3.62 11.42 -4.88
C SER A 253 -3.42 10.86 -6.28
N ALA A 254 -2.82 11.62 -7.20
CA ALA A 254 -2.56 11.15 -8.59
C ALA A 254 -1.81 9.78 -8.51
N ALA A 255 -0.88 9.64 -7.58
CA ALA A 255 -0.07 8.41 -7.42
C ALA A 255 -0.97 7.22 -7.15
N HIS A 256 -2.03 7.43 -6.41
CA HIS A 256 -2.89 6.30 -5.99
C HIS A 256 -3.55 5.74 -7.27
N THR A 257 -4.11 6.60 -8.08
CA THR A 257 -4.81 6.20 -9.30
C THR A 257 -3.81 5.66 -10.32
N ILE A 258 -2.70 6.36 -10.54
CA ILE A 258 -1.69 6.05 -11.59
C ILE A 258 -1.08 4.68 -11.27
N GLN A 259 -0.82 4.37 -10.00
CA GLN A 259 -0.16 3.08 -9.66
C GLN A 259 -1.13 1.93 -9.86
N ALA A 260 -2.40 2.12 -9.54
CA ALA A 260 -3.37 1.04 -9.81
C ALA A 260 -3.54 0.90 -11.33
N ASN A 262 -1.30 1.45 -13.61
CA ASN A 262 -0.06 0.81 -14.03
C ASN A 262 -0.18 -0.72 -13.89
N GLY A 263 -0.61 -1.19 -12.73
CA GLY A 263 -0.80 -2.62 -12.45
C GLY A 263 -1.71 -3.25 -13.47
N LEU A 264 -2.87 -2.62 -13.73
CA LEU A 264 -3.87 -3.20 -14.67
C LEU A 264 -3.30 -3.22 -16.07
N LEU A 265 -2.69 -2.15 -16.54
CA LEU A 265 -2.21 -2.10 -17.93
C LEU A 265 -1.06 -3.11 -18.10
N ILE A 266 -0.25 -3.31 -17.07
CA ILE A 266 0.86 -4.28 -17.07
C ILE A 266 0.28 -5.70 -17.14
N LEU A 267 -0.77 -5.98 -16.36
CA LEU A 267 -1.41 -7.31 -16.43
C LEU A 267 -1.95 -7.53 -17.85
N ASP A 268 -2.72 -6.59 -18.39
CA ASP A 268 -3.18 -6.65 -19.78
C ASP A 268 -2.01 -6.96 -20.74
N TYR A 269 -0.90 -6.22 -20.64
CA TYR A 269 0.23 -6.27 -21.59
C TYR A 269 0.91 -7.64 -21.49
N LEU A 271 -0.49 -10.47 -20.53
CA LEU A 271 -1.35 -11.53 -21.02
C LEU A 271 -1.49 -11.45 -22.55
N ALA A 272 -1.45 -10.25 -23.15
CA ALA A 272 -1.64 -10.10 -24.61
C ALA A 272 -0.33 -10.42 -25.35
N SER A 273 0.82 -10.15 -24.75
CA SER A 273 2.13 -10.16 -25.43
C SER A 273 2.84 -11.51 -25.24
N ARG A 274 2.38 -12.38 -24.33
CA ARG A 274 3.19 -13.55 -23.95
C ARG A 274 2.40 -14.80 -24.29
N LYS A 275 3.12 -15.86 -24.65
CA LYS A 275 2.58 -17.23 -24.88
C LYS A 275 2.79 -18.15 -23.68
N ASP A 276 3.68 -17.83 -22.74
CA ASP A 276 4.09 -18.79 -21.67
C ASP A 276 3.24 -18.62 -20.38
N ILE A 277 2.06 -17.99 -20.39
CA ILE A 277 1.33 -17.75 -19.10
C ILE A 277 0.13 -18.68 -18.98
N ASP A 278 0.01 -19.37 -17.84
CA ASP A 278 -1.20 -20.13 -17.45
C ASP A 278 -2.17 -19.17 -16.72
N THR A 279 -3.30 -18.81 -17.34
CA THR A 279 -4.21 -17.78 -16.79
C THR A 279 -4.96 -18.33 -15.57
N LYS A 280 -4.84 -19.62 -15.23
CA LYS A 280 -5.35 -20.13 -13.92
C LYS A 280 -4.42 -19.73 -12.78
N ARG A 281 -3.23 -19.20 -13.05
CA ARG A 281 -2.22 -18.91 -12.01
C ARG A 281 -1.72 -17.49 -12.21
N ILE A 282 -2.55 -16.52 -11.80
CA ILE A 282 -2.18 -15.09 -11.78
C ILE A 282 -2.26 -14.59 -10.33
N GLY A 283 -1.14 -14.06 -9.85
CA GLY A 283 -0.91 -13.70 -8.46
C GLY A 283 -0.60 -12.23 -8.37
N ALA A 284 -0.87 -11.68 -7.19
CA ALA A 284 -0.36 -10.36 -6.78
C ALA A 284 0.40 -10.55 -5.50
N ASN A 285 1.43 -9.74 -5.32
CA ASN A 285 2.30 -9.86 -4.14
C ASN A 285 3.09 -8.55 -4.04
N GLY A 286 3.12 -8.00 -2.83
CA GLY A 286 3.92 -6.83 -2.48
C GLY A 286 3.90 -6.61 -0.98
N GLY A 287 4.82 -5.75 -0.53
CA GLY A 287 5.11 -5.55 0.89
C GLY A 287 4.81 -4.13 1.28
N SER A 288 4.26 -3.93 2.46
CA SER A 288 3.95 -2.60 3.04
C SER A 288 3.00 -1.88 2.05
N GLY A 289 3.36 -0.72 1.48
CA GLY A 289 2.60 -0.05 0.41
C GLY A 289 2.27 -0.99 -0.76
N GLY A 290 3.16 -1.94 -1.06
CA GLY A 290 2.93 -2.94 -2.12
C GLY A 290 1.88 -3.93 -1.70
N GLY A 291 1.77 -4.21 -0.40
CA GLY A 291 0.68 -5.06 0.11
C GLY A 291 -0.66 -4.33 0.02
N THR A 292 -0.70 -3.02 0.26
CA THR A 292 -1.93 -2.23 0.10
C THR A 292 -2.33 -2.24 -1.39
N HIS A 293 -1.34 -2.15 -2.28
CA HIS A 293 -1.57 -2.12 -3.74
C HIS A 293 -1.97 -3.50 -4.23
N THR A 294 -1.57 -4.56 -3.52
CA THR A 294 -1.87 -5.97 -3.86
C THR A 294 -3.37 -6.15 -3.66
N VAL A 295 -3.88 -5.64 -2.54
CA VAL A 295 -5.32 -5.75 -2.18
C VAL A 295 -6.12 -4.90 -3.19
N LEU A 296 -5.58 -3.74 -3.56
CA LEU A 296 -6.26 -2.85 -4.52
C LEU A 296 -6.38 -3.63 -5.85
N LEU A 297 -5.32 -4.31 -6.26
CA LEU A 297 -5.31 -5.05 -7.55
C LEU A 297 -6.38 -6.15 -7.53
N THR A 298 -6.50 -6.92 -6.44
CA THR A 298 -7.46 -8.06 -6.40
C THR A 298 -8.88 -7.52 -6.28
N THR A 299 -9.01 -6.25 -5.85
CA THR A 299 -10.31 -5.55 -5.76
C THR A 299 -10.70 -5.06 -7.15
N LEU A 300 -9.75 -4.54 -7.91
CA LEU A 300 -10.01 -3.92 -9.22
C LEU A 300 -10.17 -4.95 -10.37
N ASP A 301 -9.52 -6.11 -10.32
CA ASP A 301 -9.42 -7.01 -11.51
C ASP A 301 -9.78 -8.45 -11.17
N ASP A 302 -10.78 -9.04 -11.85
CA ASP A 302 -11.20 -10.42 -11.50
C ASP A 302 -10.24 -11.49 -12.06
N ARG A 303 -9.08 -11.20 -12.65
CA ARG A 303 -8.22 -12.24 -13.29
C ARG A 303 -7.29 -12.86 -12.26
N PHE A 304 -7.15 -12.25 -11.08
CA PHE A 304 -6.19 -12.74 -10.05
C PHE A 304 -6.77 -14.00 -9.44
N THR A 305 -5.95 -15.04 -9.28
CA THR A 305 -6.41 -16.35 -8.74
C THR A 305 -5.72 -16.61 -7.41
N ALA A 306 -4.77 -15.76 -6.98
CA ALA A 306 -4.11 -15.86 -5.65
C ALA A 306 -3.41 -14.54 -5.32
N SER A 307 -3.21 -14.28 -4.03
CA SER A 307 -2.78 -12.96 -3.52
C SER A 307 -1.98 -13.14 -2.24
N ALA A 308 -0.91 -12.37 -2.07
CA ALA A 308 -0.08 -12.37 -0.84
C ALA A 308 0.28 -10.95 -0.42
N PRO A 309 -0.61 -10.25 0.29
CA PRO A 309 -0.22 -8.96 0.84
C PRO A 309 0.64 -9.11 2.10
N VAL A 310 1.82 -8.50 2.09
CA VAL A 310 2.83 -8.75 3.12
C VAL A 310 3.05 -7.49 3.96
N VAL A 311 3.04 -7.71 5.28
CA VAL A 311 3.22 -6.69 6.35
C VAL A 311 2.45 -5.42 5.96
N SER A 312 1.16 -5.54 5.67
CA SER A 312 0.39 -4.39 5.16
C SER A 312 -1.03 -4.32 5.72
N LEU A 313 -1.66 -5.46 5.99
CA LEU A 313 -3.11 -5.49 6.18
C LEU A 313 -3.51 -5.01 7.59
N ALA A 314 -4.47 -4.06 7.63
CA ALA A 314 -5.06 -3.52 8.88
C ALA A 314 -6.46 -2.98 8.59
N SER A 315 -7.42 -3.29 9.46
CA SER A 315 -8.77 -2.67 9.48
C SER A 315 -8.66 -1.20 9.92
N HIS A 316 -7.63 -0.86 10.72
CA HIS A 316 -7.50 0.42 11.49
C HIS A 316 -6.40 1.33 10.93
N PHE A 317 -5.74 0.96 9.83
CA PHE A 317 -4.82 1.83 9.06
C PHE A 317 -4.99 1.57 7.55
N ASP A 318 -5.19 2.65 6.77
CA ASP A 318 -5.55 2.60 5.32
C ASP A 318 -4.29 2.78 4.46
N GLY A 319 -3.17 3.16 5.08
CA GLY A 319 -1.90 3.50 4.42
C GLY A 319 -1.62 4.96 4.65
N GLY A 320 -0.40 5.25 5.10
CA GLY A 320 0.05 6.61 5.45
C GLY A 320 0.34 7.49 4.25
N CYS A 321 0.57 6.93 3.08
CA CYS A 321 1.02 7.70 1.90
C CYS A 321 -0.21 7.93 1.05
N PRO A 322 -0.35 9.11 0.43
CA PRO A 322 -1.41 9.37 -0.53
C PRO A 322 -1.47 8.37 -1.71
N CYS A 323 -0.36 7.71 -2.04
CA CYS A 323 -0.37 6.69 -3.12
C CYS A 323 -1.16 5.47 -2.63
N GLU A 324 -1.43 5.35 -1.33
CA GLU A 324 -2.22 4.21 -0.74
C GLU A 324 -3.67 4.61 -0.37
N SER A 325 -3.89 5.86 0.06
CA SER A 325 -5.16 6.34 0.67
C SER A 325 -5.53 7.73 0.12
N GLY A 326 -4.81 8.26 -0.88
CA GLY A 326 -5.01 9.64 -1.35
C GLY A 326 -6.40 9.83 -1.98
N PRO A 328 -10.45 8.36 -2.08
CA PRO A 328 -11.20 8.26 -0.84
C PRO A 328 -11.90 6.90 -0.95
N ILE A 329 -11.14 5.88 -1.37
CA ILE A 329 -11.70 4.53 -1.62
C ILE A 329 -12.27 3.96 -0.32
N GLN A 330 -11.74 4.33 0.86
CA GLN A 330 -12.24 3.68 2.10
C GLN A 330 -13.61 4.23 2.47
N LEU A 331 -14.18 5.19 1.75
CA LEU A 331 -15.54 5.70 2.07
C LEU A 331 -16.57 4.91 1.26
N SER A 332 -16.12 3.94 0.44
CA SER A 332 -17.02 3.13 -0.40
C SER A 332 -18.06 2.43 0.49
N ALA A 333 -19.30 2.38 -0.03
CA ALA A 333 -20.45 1.63 0.51
C ALA A 333 -20.65 1.95 1.99
N GLY A 334 -20.66 3.23 2.35
CA GLY A 334 -20.92 3.67 3.74
C GLY A 334 -19.69 3.54 4.64
N GLY A 335 -18.53 3.14 4.10
CA GLY A 335 -17.27 2.96 4.85
C GLY A 335 -16.78 1.51 4.81
N THR A 336 -15.54 1.31 4.42
CA THR A 336 -14.92 -0.03 4.35
C THR A 336 -13.52 0.10 4.96
N CYS A 337 -12.72 -0.94 4.82
CA CYS A 337 -11.29 -0.89 5.20
C CYS A 337 -10.56 -1.96 4.39
N ASN A 338 -9.23 -1.95 4.37
CA ASN A 338 -8.40 -2.88 3.51
C ASN A 338 -8.66 -4.33 3.91
N ALA A 339 -9.07 -4.61 5.14
CA ALA A 339 -9.39 -6.00 5.55
C ALA A 339 -10.64 -6.47 4.80
N GLU A 340 -11.64 -5.62 4.67
CA GLU A 340 -12.89 -6.01 3.96
C GLU A 340 -12.58 -6.11 2.45
N LEU A 341 -11.78 -5.19 1.90
CA LEU A 341 -11.46 -5.27 0.46
C LEU A 341 -10.74 -6.59 0.19
N ALA A 342 -9.80 -6.96 1.06
CA ALA A 342 -9.05 -8.25 0.96
C ALA A 342 -10.05 -9.42 1.00
N ALA A 343 -11.07 -9.31 1.84
CA ALA A 343 -12.13 -10.35 2.00
C ALA A 343 -12.92 -10.54 0.69
N THR A 344 -13.06 -9.50 -0.14
CA THR A 344 -13.88 -9.64 -1.37
C THR A 344 -13.21 -10.68 -2.30
N PHE A 345 -11.92 -10.94 -2.13
CA PHE A 345 -11.17 -11.95 -2.93
C PHE A 345 -11.60 -13.40 -2.59
N ALA A 346 -12.24 -13.61 -1.45
CA ALA A 346 -12.75 -14.92 -1.00
C ALA A 346 -13.61 -15.54 -2.08
N PRO A 347 -13.49 -16.85 -2.35
CA PRO A 347 -12.62 -17.76 -1.58
C PRO A 347 -11.25 -18.05 -2.20
N ARG A 348 -10.69 -17.13 -2.97
CA ARG A 348 -9.43 -17.44 -3.71
C ARG A 348 -8.27 -17.43 -2.73
N PRO A 349 -7.29 -18.35 -2.92
CA PRO A 349 -6.19 -18.45 -1.96
C PRO A 349 -5.54 -17.09 -1.70
N GLN A 350 -5.34 -16.77 -0.43
CA GLN A 350 -4.74 -15.50 0.05
C GLN A 350 -3.88 -15.74 1.31
N LEU A 351 -2.66 -15.24 1.28
CA LEU A 351 -1.70 -15.26 2.39
C LEU A 351 -1.62 -13.84 2.95
N VAL A 352 -1.78 -13.68 4.26
CA VAL A 352 -1.46 -12.39 4.94
C VAL A 352 -0.23 -12.59 5.78
N VAL A 353 0.82 -11.85 5.53
CA VAL A 353 2.00 -11.90 6.43
C VAL A 353 1.92 -10.70 7.35
N SER A 354 2.00 -10.95 8.65
CA SER A 354 2.03 -9.89 9.70
C SER A 354 3.23 -10.10 10.64
N ASP A 355 3.52 -9.07 11.44
CA ASP A 355 4.62 -9.04 12.41
C ASP A 355 4.19 -8.23 13.63
N GLY A 356 4.94 -8.37 14.73
CA GLY A 356 4.62 -7.75 16.04
C GLY A 356 5.10 -6.31 16.12
N GLY A 357 5.90 -5.83 15.20
CA GLY A 357 6.51 -4.48 15.30
C GLY A 357 5.79 -3.42 14.47
N ASP A 358 4.58 -3.68 13.96
CA ASP A 358 3.88 -2.64 13.15
C ASP A 358 2.36 -2.76 13.31
N TRP A 359 1.61 -2.02 12.49
CA TRP A 359 0.14 -2.00 12.53
C TRP A 359 -0.45 -3.39 12.27
N THR A 360 0.34 -4.34 11.77
CA THR A 360 -0.19 -5.71 11.53
C THR A 360 -0.14 -6.59 12.79
N ALA A 361 0.37 -6.08 13.91
CA ALA A 361 0.38 -6.80 15.20
C ALA A 361 -1.02 -7.34 15.50
N SER A 362 -2.07 -6.59 15.17
CA SER A 362 -3.49 -6.97 15.43
C SER A 362 -3.94 -8.17 14.60
N VAL A 363 -3.31 -8.47 13.47
CA VAL A 363 -3.90 -9.44 12.48
C VAL A 363 -4.31 -10.81 13.08
N PRO A 364 -3.47 -11.54 13.88
CA PRO A 364 -3.89 -12.86 14.38
C PRO A 364 -5.17 -12.79 15.25
N ALA A 365 -5.31 -11.71 16.02
CA ALA A 365 -6.46 -11.49 16.92
C ALA A 365 -7.65 -10.91 16.14
N LEU A 366 -7.43 -10.13 15.07
CA LEU A 366 -8.53 -9.26 14.55
C LEU A 366 -8.81 -9.53 13.06
N GLU A 367 -7.92 -9.06 12.19
CA GLU A 367 -8.12 -9.15 10.72
C GLU A 367 -8.21 -10.61 10.28
N PHE A 368 -7.34 -11.50 10.76
CA PHE A 368 -7.33 -12.90 10.25
C PHE A 368 -8.65 -13.60 10.60
N PRO A 369 -9.12 -13.62 11.88
CA PRO A 369 -10.37 -14.32 12.18
C PRO A 369 -11.55 -13.75 11.39
N TYR A 370 -11.54 -12.45 11.14
CA TYR A 370 -12.55 -11.78 10.27
C TYR A 370 -12.50 -12.44 8.89
N LEU A 371 -11.30 -12.61 8.34
CA LEU A 371 -11.15 -13.18 6.97
C LEU A 371 -11.55 -14.65 7.01
N GLN A 372 -11.23 -15.34 8.11
CA GLN A 372 -11.58 -16.78 8.25
C GLN A 372 -13.10 -16.95 8.18
N ARG A 373 -13.83 -16.10 8.89
CA ARG A 373 -15.32 -16.26 8.89
C ARG A 373 -15.86 -16.08 7.46
N ILE A 374 -15.30 -15.13 6.68
CA ILE A 374 -15.84 -14.84 5.31
C ILE A 374 -15.46 -15.96 4.34
N TYR A 375 -14.22 -16.42 4.42
CA TYR A 375 -13.77 -17.61 3.65
C TYR A 375 -14.63 -18.81 4.07
N GLY A 376 -14.96 -18.86 5.38
CA GLY A 376 -15.96 -19.78 5.96
C GLY A 376 -17.26 -19.81 5.17
N PHE A 377 -17.77 -18.67 4.69
CA PHE A 377 -19.05 -18.63 3.91
C PHE A 377 -18.95 -19.58 2.70
N TYR A 378 -17.75 -19.95 2.27
CA TYR A 378 -17.52 -20.77 1.06
C TYR A 378 -16.95 -22.14 1.44
N ASP A 379 -16.95 -22.49 2.72
CA ASP A 379 -16.28 -23.71 3.25
C ASP A 379 -14.84 -23.68 2.78
N ALA A 380 -14.15 -22.55 2.92
CA ALA A 380 -12.79 -22.46 2.37
C ALA A 380 -11.90 -21.69 3.33
N LYS A 381 -12.09 -21.84 4.64
CA LYS A 381 -11.21 -21.23 5.68
C LYS A 381 -9.74 -21.56 5.40
N ASP A 382 -9.47 -22.75 4.85
CA ASP A 382 -8.11 -23.23 4.58
C ASP A 382 -7.52 -22.43 3.42
N ASN A 383 -8.33 -21.77 2.59
CA ASN A 383 -7.75 -20.95 1.48
C ASN A 383 -7.10 -19.67 2.00
N VAL A 384 -7.40 -19.22 3.23
CA VAL A 384 -6.79 -17.98 3.78
C VAL A 384 -5.89 -18.36 4.95
N THR A 385 -4.66 -17.83 4.95
CA THR A 385 -3.61 -18.15 5.93
C THR A 385 -2.93 -16.88 6.38
N ASN A 386 -2.36 -16.94 7.58
CA ASN A 386 -1.63 -15.85 8.24
C ASN A 386 -0.35 -16.49 8.74
N VAL A 387 0.76 -15.98 8.27
CA VAL A 387 2.08 -16.20 8.91
C VAL A 387 2.38 -14.94 9.69
N HIS A 388 2.23 -15.05 11.01
CA HIS A 388 2.56 -14.00 11.99
C HIS A 388 4.01 -14.16 12.48
N LEU A 389 4.79 -13.11 12.41
CA LEU A 389 6.18 -13.03 12.94
C LEU A 389 6.21 -12.12 14.17
N PRO A 390 5.83 -12.65 15.36
CA PRO A 390 5.69 -11.85 16.57
C PRO A 390 6.96 -11.06 16.93
N LYS A 391 8.13 -11.65 16.69
CA LYS A 391 9.42 -11.04 17.14
C LYS A 391 9.89 -10.02 16.11
N GLU A 392 9.32 -9.94 14.91
CA GLU A 392 10.03 -9.19 13.83
C GLU A 392 9.39 -7.84 13.62
N LYS A 393 10.05 -7.06 12.79
CA LYS A 393 9.74 -5.64 12.55
C LYS A 393 9.27 -5.48 11.10
N HIS A 394 8.99 -4.25 10.72
CA HIS A 394 8.49 -3.86 9.39
C HIS A 394 9.65 -3.93 8.39
N ASP A 395 9.71 -5.01 7.64
CA ASP A 395 10.63 -5.17 6.48
C ASP A 395 10.14 -6.31 5.58
N PHE A 396 10.84 -6.56 4.47
CA PHE A 396 10.58 -7.72 3.60
C PHE A 396 11.74 -8.70 3.75
N GLY A 397 12.17 -8.90 4.99
CA GLY A 397 13.25 -9.85 5.34
C GLY A 397 12.91 -11.30 5.02
N PRO A 398 13.87 -12.21 5.32
CA PRO A 398 13.85 -13.58 4.81
C PRO A 398 12.65 -14.41 5.20
N ASN A 399 12.10 -14.22 6.39
CA ASN A 399 10.95 -15.06 6.78
C ASN A 399 9.70 -14.47 6.18
N LYS A 400 9.71 -13.19 5.78
CA LYS A 400 8.59 -12.65 4.97
C LYS A 400 8.70 -13.34 3.61
N ARG A 401 9.90 -13.39 3.02
CA ARG A 401 10.04 -13.97 1.65
C ARG A 401 9.66 -15.45 1.71
N ASN A 402 10.01 -16.17 2.79
CA ASN A 402 9.80 -17.63 2.86
C ASN A 402 8.31 -17.93 2.91
N ALA A 403 7.51 -17.13 3.62
CA ALA A 403 6.05 -17.32 3.60
C ALA A 403 5.50 -17.10 2.16
N VAL A 404 6.01 -16.12 1.44
CA VAL A 404 5.61 -15.88 0.03
C VAL A 404 6.01 -17.12 -0.81
N TYR A 405 7.27 -17.56 -0.75
CA TYR A 405 7.78 -18.74 -1.53
C TYR A 405 6.89 -19.94 -1.24
N ASP A 406 6.64 -20.20 0.03
CA ASP A 406 5.86 -21.38 0.47
C ASP A 406 4.44 -21.29 -0.10
N PHE A 407 3.80 -20.12 0.01
CA PHE A 407 2.39 -19.98 -0.40
C PHE A 407 2.26 -20.20 -1.92
N PHE A 408 3.09 -19.56 -2.72
CA PHE A 408 2.93 -19.67 -4.19
C PHE A 408 3.35 -21.07 -4.67
N ALA A 409 4.38 -21.65 -4.05
CA ALA A 409 4.73 -23.09 -4.25
C ALA A 409 3.46 -23.94 -4.13
N GLU A 410 2.76 -23.79 -3.00
CA GLU A 410 1.56 -24.58 -2.65
C GLU A 410 0.47 -24.30 -3.70
N VAL A 411 0.04 -23.06 -3.86
CA VAL A 411 -1.24 -22.78 -4.60
C VAL A 411 -0.99 -22.74 -6.10
N PHE A 412 0.23 -22.45 -6.58
CA PHE A 412 0.54 -22.34 -8.03
C PHE A 412 1.40 -23.53 -8.47
N ASP A 413 1.62 -24.45 -7.53
CA ASP A 413 2.31 -25.73 -7.80
C ASP A 413 3.68 -25.36 -8.37
N LEU A 414 4.44 -24.52 -7.71
CA LEU A 414 5.78 -24.12 -8.20
C LEU A 414 6.80 -25.11 -7.64
N ASP A 415 8.03 -25.01 -8.14
CA ASP A 415 9.09 -25.99 -7.82
C ASP A 415 9.91 -25.44 -6.65
N LYS A 416 9.64 -25.93 -5.44
CA LYS A 416 10.36 -25.57 -4.19
C LYS A 416 11.85 -25.97 -4.23
N LYS A 417 12.26 -26.90 -5.10
CA LYS A 417 13.67 -27.36 -5.13
C LYS A 417 14.53 -26.24 -5.71
N LEU A 419 14.40 -23.22 -4.88
CA LEU A 419 14.32 -22.09 -4.01
C LEU A 419 15.73 -21.89 -3.50
N ASP A 420 16.45 -20.88 -3.94
CA ASP A 420 17.78 -20.63 -3.33
C ASP A 420 18.24 -19.25 -3.72
N GLU A 421 18.27 -18.34 -2.76
CA GLU A 421 18.51 -16.90 -2.99
C GLU A 421 19.98 -16.68 -3.36
N SER A 422 20.92 -17.59 -2.98
CA SER A 422 22.37 -17.43 -3.30
C SER A 422 22.60 -17.47 -4.83
N LYS A 423 21.68 -18.12 -5.55
CA LYS A 423 21.72 -18.26 -7.02
C LYS A 423 21.10 -17.05 -7.74
N VAL A 424 20.47 -16.09 -7.04
CA VAL A 424 19.89 -14.92 -7.76
C VAL A 424 21.02 -13.90 -7.90
N THR A 425 21.16 -13.26 -9.06
CA THR A 425 22.12 -12.14 -9.26
C THR A 425 21.53 -10.84 -8.71
N ILE A 426 22.33 -10.03 -8.03
CA ILE A 426 21.89 -8.70 -7.58
C ILE A 426 22.42 -7.75 -8.61
N GLU A 427 21.61 -7.42 -9.60
CA GLU A 427 22.11 -6.56 -10.69
C GLU A 427 22.36 -5.23 -10.02
N PRO A 428 23.30 -4.43 -10.53
CA PRO A 428 23.33 -3.01 -10.18
C PRO A 428 22.01 -2.40 -10.66
N GLU A 429 21.66 -1.26 -10.07
CA GLU A 429 20.33 -0.62 -10.21
C GLU A 429 20.09 -0.29 -11.69
N SER A 430 21.06 0.37 -12.34
CA SER A 430 20.98 0.90 -13.71
C SER A 430 20.70 -0.21 -14.73
N ALA A 431 20.92 -1.47 -14.37
CA ALA A 431 20.69 -2.61 -15.28
C ALA A 431 19.19 -2.81 -15.47
N TYR A 433 17.14 -0.28 -15.68
CA TYR A 433 16.64 0.93 -16.31
C TYR A 433 16.26 0.69 -17.77
N SER A 434 15.24 1.38 -18.23
CA SER A 434 14.76 1.38 -19.63
C SER A 434 15.39 2.58 -20.32
N PHE A 435 15.68 3.71 -19.63
CA PHE A 435 16.00 4.97 -20.37
C PHE A 435 17.47 5.41 -20.24
N GLY A 436 18.36 4.47 -19.94
CA GLY A 436 19.81 4.72 -19.99
C GLY A 436 20.31 5.15 -18.63
N GLU A 437 21.60 4.91 -18.38
CA GLU A 437 22.35 5.29 -17.14
C GLU A 437 21.86 6.64 -16.58
N LYS A 438 21.58 7.64 -17.43
CA LYS A 438 21.28 9.02 -17.00
C LYS A 438 19.92 9.49 -17.50
N GLY A 439 19.05 8.59 -17.97
CA GLY A 439 17.72 8.96 -18.50
C GLY A 439 17.81 9.70 -19.84
N GLU A 440 18.93 9.58 -20.54
CA GLU A 440 19.18 10.31 -21.82
C GLU A 440 18.33 9.64 -22.91
N LEU A 441 17.91 8.40 -22.72
CA LEU A 441 17.05 7.70 -23.71
C LEU A 441 15.57 8.01 -23.48
N LEU A 442 15.25 8.96 -22.60
CA LEU A 442 13.82 9.26 -22.33
C LEU A 442 13.19 9.78 -23.61
N PRO A 443 12.10 9.16 -24.11
CA PRO A 443 11.56 9.54 -25.41
C PRO A 443 11.26 11.04 -25.53
N GLU A 444 11.24 11.49 -26.77
CA GLU A 444 10.96 12.90 -27.16
C GLU A 444 9.62 13.34 -26.56
N ASN A 445 8.57 12.54 -26.79
CA ASN A 445 7.15 12.82 -26.44
C ASN A 445 6.98 12.96 -24.93
N ALA A 446 7.98 12.59 -24.12
CA ALA A 446 7.78 12.19 -22.72
C ALA A 446 7.50 13.42 -21.84
N ILE A 447 6.56 13.22 -20.93
CA ILE A 447 6.20 14.21 -19.88
C ILE A 447 7.45 14.47 -19.05
N ARG A 448 7.75 15.75 -18.75
CA ARG A 448 8.94 16.11 -17.93
C ARG A 448 8.56 17.04 -16.77
N SER A 449 7.26 17.29 -16.52
CA SER A 449 6.80 17.94 -15.26
C SER A 449 5.51 17.31 -14.76
N PHE A 450 5.39 17.24 -13.44
CA PHE A 450 4.19 16.76 -12.70
C PHE A 450 2.93 17.49 -13.21
N ASP A 451 3.06 18.76 -13.61
CA ASP A 451 2.00 19.66 -14.14
C ASP A 451 1.17 18.93 -15.18
N LYS A 452 1.83 18.16 -16.03
CA LYS A 452 1.15 17.51 -17.17
C LYS A 452 0.24 16.42 -16.62
N VAL A 453 0.68 15.71 -15.57
CA VAL A 453 -0.14 14.65 -14.93
C VAL A 453 -1.20 15.31 -14.04
N ALA A 454 -0.82 16.29 -13.22
CA ALA A 454 -1.73 16.96 -12.26
C ALA A 454 -2.95 17.52 -13.01
N ALA A 455 -2.78 18.00 -14.25
CA ALA A 455 -3.85 18.60 -15.07
C ALA A 455 -5.00 17.61 -15.31
N TYR A 456 -4.77 16.29 -15.23
CA TYR A 456 -5.89 15.31 -15.33
C TYR A 456 -6.73 15.32 -14.06
N PHE A 457 -6.24 15.87 -12.95
CA PHE A 457 -6.87 15.69 -11.61
C PHE A 457 -7.42 17.01 -11.06
N ASP A 458 -6.81 18.14 -11.41
CA ASP A 458 -7.01 19.43 -10.72
C ASP A 458 -7.12 20.53 -11.79
N LYS A 459 -8.20 21.28 -11.77
CA LYS A 459 -8.39 22.37 -12.75
C LYS A 459 -7.32 23.47 -12.54
N LYS A 460 -6.82 23.69 -11.31
CA LYS A 460 -5.75 24.70 -11.04
C LYS A 460 -4.52 24.33 -11.89
N ALA A 461 -4.13 23.05 -11.87
CA ALA A 461 -2.97 22.54 -12.64
C ALA A 461 -3.21 22.73 -14.14
N PHE A 462 -4.41 22.39 -14.62
CA PHE A 462 -4.78 22.53 -16.04
C PHE A 462 -4.63 24.00 -16.45
N ALA A 463 -5.05 24.90 -15.58
CA ALA A 463 -5.06 26.37 -15.84
C ALA A 463 -3.61 26.86 -15.93
N LYS A 464 -2.73 26.43 -15.01
CA LYS A 464 -1.26 26.76 -15.06
C LYS A 464 -0.73 26.35 -16.42
N LEU A 465 -0.90 25.09 -16.77
CA LEU A 465 -0.49 24.50 -18.07
C LEU A 465 -1.01 25.33 -19.26
N LYS A 466 -2.30 25.70 -19.26
CA LYS A 466 -2.95 26.28 -20.47
C LYS A 466 -2.46 27.73 -20.70
N SER A 467 -1.93 28.42 -19.68
CA SER A 467 -1.08 29.63 -19.87
C SER A 467 0.38 29.21 -20.15
N ASP A 468 0.69 28.76 -21.39
CA ASP A 468 1.95 28.10 -21.82
C ASP A 468 3.09 28.46 -20.86
#